data_8HBA
#
_entry.id   8HBA
#
_cell.length_a   37.756
_cell.length_b   68.640
_cell.length_c   114.009
_cell.angle_alpha   90.00
_cell.angle_beta   90.00
_cell.angle_gamma   90.00
#
_symmetry.space_group_name_H-M   'P 21 21 21'
#
loop_
_entity.id
_entity.type
_entity.pdbx_description
1 polymer 'RNA (55-MER)'
2 non-polymer NICOTINAMIDE-ADENINE-DINUCLEOTIDE
3 non-polymer 'BETA-NICOTINAMIDE RIBOSE MONOPHOSPHATE'
#
_entity_poly.entity_id   1
_entity_poly.type   'polyribonucleotide'
_entity_poly.pdbx_seq_one_letter_code
;CGCGGCGUUGCGUCCGAAAGUCUAAACAGACACGGCCGCUUAAAAACAAAAGGAGA
;
_entity_poly.pdbx_strand_id   A,B
#
loop_
_chem_comp.id
_chem_comp.type
_chem_comp.name
_chem_comp.formula
A RNA linking ADENOSINE-5'-MONOPHOSPHATE 'C10 H14 N5 O7 P'
C RNA linking CYTIDINE-5'-MONOPHOSPHATE 'C9 H14 N3 O8 P'
G RNA linking GUANOSINE-5'-MONOPHOSPHATE 'C10 H14 N5 O8 P'
NAD non-polymer NICOTINAMIDE-ADENINE-DINUCLEOTIDE 'C21 H27 N7 O14 P2'
NMN non-polymer 'BETA-NICOTINAMIDE RIBOSE MONOPHOSPHATE' 'C11 H16 N2 O8 P 1'
U RNA linking URIDINE-5'-MONOPHOSPHATE 'C9 H13 N2 O9 P'
#
# COMPACT_ATOMS: atom_id res chain seq x y z
PA NAD C . -0.34 -5.53 -2.57
O1A NAD C . -1.42 -6.54 -2.78
O2A NAD C . 0.84 -5.95 -1.77
O5B NAD C . -0.97 -4.20 -1.94
C5B NAD C . -2.42 -4.04 -1.84
C4B NAD C . -2.81 -3.83 -0.40
O4B NAD C . -3.18 -2.44 -0.20
C3B NAD C . -4.02 -4.62 0.10
O3B NAD C . -3.70 -5.96 0.46
C2B NAD C . -4.43 -3.77 1.31
O2B NAD C . -3.65 -4.02 2.46
C1B NAD C . -4.20 -2.36 0.77
N9A NAD C . -5.37 -1.74 0.14
C8A NAD C . -5.36 -0.50 -0.46
N7A NAD C . -6.53 -0.15 -0.94
C5A NAD C . -7.36 -1.22 -0.65
C6A NAD C . -8.72 -1.44 -0.90
N6A NAD C . -9.51 -0.58 -1.52
N1A NAD C . -9.26 -2.62 -0.47
C2A NAD C . -8.45 -3.49 0.15
N3A NAD C . -7.16 -3.37 0.45
C4A NAD C . -6.66 -2.21 0.01
O3 NAD C . 0.22 -5.01 -3.99
PN NAD C . 1.41 -5.46 -4.97
O1N NAD C . 2.32 -6.38 -4.23
O2N NAD C . 2.02 -4.24 -5.60
O5D NAD C . 0.64 -6.28 -6.12
C5D NAD C . -0.63 -6.88 -5.75
C4D NAD C . -1.22 -7.59 -6.93
O4D NAD C . -1.55 -6.65 -7.97
C3D NAD C . -0.32 -8.61 -7.64
O3D NAD C . -0.21 -9.80 -6.86
C2D NAD C . -1.06 -8.76 -8.97
O2D NAD C . -2.15 -9.66 -8.90
C1D NAD C . -1.63 -7.36 -9.21
N1N NAD C . -0.87 -6.62 -10.25
C2N NAD C . -0.85 -7.08 -11.56
C3N NAD C . -0.10 -6.40 -12.52
C7N NAD C . -0.01 -6.83 -13.95
O7N NAD C . 0.51 -6.06 -14.75
N7N NAD C . -0.48 -8.03 -14.29
C4N NAD C . 0.61 -5.27 -12.12
C5N NAD C . 0.30 -4.67 -10.93
C6N NAD C . -0.26 -5.45 -9.95
PA NAD D . -20.48 -6.14 -7.76
O1A NAD D . -21.94 -6.30 -8.05
O2A NAD D . -19.90 -7.05 -6.73
O5B NAD D . -20.14 -4.61 -7.34
C5B NAD D . -21.15 -3.54 -7.34
C4B NAD D . -21.17 -2.81 -6.02
O4B NAD D . -21.51 -1.41 -6.25
C3B NAD D . -22.19 -3.29 -4.99
O3B NAD D . -21.65 -3.23 -3.67
C2B NAD D . -23.35 -2.31 -5.16
O2B NAD D . -24.18 -2.20 -4.03
C1B NAD D . -22.57 -1.03 -5.40
N9A NAD D . -23.35 0.05 -6.01
C8A NAD D . -23.32 0.46 -7.32
N7A NAD D . -24.12 1.48 -7.56
C5A NAD D . -24.70 1.75 -6.35
C6A NAD D . -25.65 2.72 -5.95
N6A NAD D . -26.17 3.62 -6.78
N1A NAD D . -26.04 2.73 -4.65
C2A NAD D . -25.50 1.83 -3.82
N3A NAD D . -24.60 0.87 -4.08
C4A NAD D . -24.24 0.89 -5.38
O3 NAD D . -19.66 -6.36 -9.12
PN NAD D . -18.63 -7.58 -9.31
O1N NAD D . -18.14 -7.73 -10.72
O2N NAD D . -19.24 -8.77 -8.66
O5D NAD D . -17.44 -7.05 -8.38
C5D NAD D . -16.08 -7.27 -8.84
C4D NAD D . -15.17 -6.18 -8.37
O4D NAD D . -14.12 -6.04 -9.33
C3D NAD D . -15.76 -4.76 -8.20
O3D NAD D . -15.04 -4.04 -7.21
C2D NAD D . -15.55 -4.21 -9.61
O2D NAD D . -15.52 -2.79 -9.70
C1D NAD D . -14.20 -4.78 -9.98
N1N NAD D . -14.04 -5.01 -11.44
C2N NAD D . -14.63 -6.09 -12.06
C3N NAD D . -14.30 -6.39 -13.38
C7N NAD D . -14.80 -7.64 -14.04
O7N NAD D . -15.49 -8.44 -13.38
N7N NAD D . -14.51 -7.83 -15.33
C4N NAD D . -13.47 -5.51 -14.08
C5N NAD D . -13.19 -4.30 -13.52
C6N NAD D . -13.32 -4.14 -12.17
PA NAD E . 7.80 5.15 5.50
O1A NAD E . 7.39 5.93 6.70
O2A NAD E . 6.76 4.57 4.60
O5B NAD E . 8.87 4.01 5.90
C5B NAD E . 8.73 3.21 7.10
C4B NAD E . 7.30 2.76 7.26
O4B NAD E . 7.28 1.38 7.70
C3B NAD E . 6.49 3.48 8.34
O3B NAD E . 5.09 3.31 8.14
C2B NAD E . 7.01 2.79 9.59
O2B NAD E . 6.02 2.82 10.60
C1B NAD E . 7.32 1.36 9.11
N9A NAD E . 8.63 0.84 9.49
C8A NAD E . 9.39 -0.01 8.73
N7A NAD E . 10.53 -0.33 9.30
C5A NAD E . 10.51 0.33 10.52
C6A NAD E . 11.44 0.39 11.58
N6A NAD E . 12.60 -0.26 11.60
N1A NAD E . 11.11 1.15 12.65
C2A NAD E . 9.95 1.81 12.64
N3A NAD E . 9.01 1.83 11.70
C4A NAD E . 9.35 1.07 10.64
O3 NAD E . 8.72 6.07 4.59
PN NAD E . 8.16 7.04 3.46
O1N NAD E . 6.86 7.57 3.96
O2N NAD E . 8.24 6.29 2.17
O5D NAD E . 9.27 8.20 3.50
C5D NAD E . 10.65 7.81 3.35
C4D NAD E . 11.51 8.83 4.06
O4D NAD E . 12.87 8.37 4.06
C3D NAD E . 11.54 10.21 3.39
O3D NAD E . 10.47 11.01 3.87
C2D NAD E . 12.91 10.73 3.84
O2D NAD E . 12.84 11.27 5.15
C1D NAD E . 13.77 9.47 3.83
N1N NAD E . 14.49 9.24 2.55
C2N NAD E . 15.59 10.01 2.19
C3N NAD E . 16.19 9.85 0.94
C7N NAD E . 17.36 10.66 0.48
O7N NAD E . 17.88 10.39 -0.60
N7N NAD E . 17.80 11.65 1.25
C4N NAD E . 15.69 8.88 0.09
C5N NAD E . 14.76 7.98 0.55
C6N NAD E . 14.10 8.23 1.73
O3P NMN F . 22.52 5.19 18.62
P NMN F . 22.39 6.60 17.98
O1P NMN F . 23.69 7.19 17.47
O2P NMN F . 21.62 7.54 18.86
O5R NMN F . 21.56 6.50 16.61
C5R NMN F . 20.13 6.24 16.65
C4R NMN F . 19.72 5.52 15.40
O4R NMN F . 20.41 6.10 14.26
C3R NMN F . 20.08 4.02 15.38
O3R NMN F . 18.95 3.23 15.01
C2R NMN F . 21.22 3.97 14.37
O2R NMN F . 21.34 2.76 13.65
C1R NMN F . 20.90 5.11 13.42
N1 NMN F . 22.13 5.59 12.73
C2 NMN F . 22.70 6.81 13.02
C3 NMN F . 23.77 7.26 12.23
C7 NMN F . 24.55 8.49 12.63
O7 NMN F . 24.16 9.15 13.58
N7 NMN F . 25.62 8.82 11.91
C4 NMN F . 24.12 6.55 11.09
C5 NMN F . 23.68 5.26 10.96
C6 NMN F . 22.70 4.80 11.82
#